data_6FCK
#
_entry.id   6FCK
#
_cell.length_a   41.530
_cell.length_b   71.015
_cell.length_c   104.354
_cell.angle_alpha   90.00
_cell.angle_beta   90.00
_cell.angle_gamma   90.00
#
_symmetry.space_group_name_H-M   'P 21 21 21'
#
loop_
_entity.id
_entity.type
_entity.pdbx_description
1 polymer 'Serine/threonine-protein kinase Chk1'
2 non-polymer 2-phenyl-4-[[(3~{S})-piperidin-3-yl]amino]-1~{H}-indole-7-carboxamide
3 non-polymer 'SULFATE ION'
4 water water
#
_entity_poly.entity_id   1
_entity_poly.type   'polypeptide(L)'
_entity_poly.pdbx_seq_one_letter_code
;MAVPFVEDWDLVQTLGEGAYGEVQLAVNRVTEEAVAVKIVDMKRAVDCPENIKKEICINKMLNHENVVKFYGHRREGNIQ
YLFLEYCSGGELFDRIEPDIGMPEPDAQRFFHQLMAGVVYLHGIGITHRDIKPENLLLDERDNLKISDFGLATVFRYNNR
ERLLNKMCGTLPYVAPELLKRREFHAEPVDVWSCGIVLTAMLAGELPWDQPSDSCQEYSDWKEKKTYLNPWKKIDSAPLA
LLHKILVENPSARITIPDIKKDRWYNKPLKKGAKRP
;
_entity_poly.pdbx_strand_id   A
#
loop_
_chem_comp.id
_chem_comp.type
_chem_comp.name
_chem_comp.formula
D4Z non-polymer 2-phenyl-4-[[(3~{S})-piperidin-3-yl]amino]-1~{H}-indole-7-carboxamide 'C20 H22 N4 O'
SO4 non-polymer 'SULFATE ION' 'O4 S -2'
#
# COMPACT_ATOMS: atom_id res chain seq x y z
N ALA A 2 -2.54 -27.28 -11.53
CA ALA A 2 -2.14 -26.27 -12.50
C ALA A 2 -2.43 -26.70 -13.92
N VAL A 3 -2.17 -28.00 -14.25
CA VAL A 3 -2.37 -28.58 -15.58
C VAL A 3 -3.87 -28.48 -16.02
N PRO A 4 -4.90 -28.98 -15.29
CA PRO A 4 -6.29 -28.78 -15.77
C PRO A 4 -6.68 -27.30 -15.83
N PHE A 5 -6.22 -26.48 -14.85
CA PHE A 5 -6.49 -25.03 -14.82
C PHE A 5 -6.00 -24.37 -16.11
N VAL A 6 -4.74 -24.63 -16.53
CA VAL A 6 -4.17 -24.02 -17.75
C VAL A 6 -4.82 -24.59 -19.05
N GLU A 7 -5.49 -25.75 -18.98
CA GLU A 7 -6.19 -26.28 -20.15
C GLU A 7 -7.42 -25.42 -20.45
N ASP A 8 -8.08 -24.89 -19.38
CA ASP A 8 -9.26 -24.06 -19.51
C ASP A 8 -9.01 -22.55 -19.41
N TRP A 9 -7.89 -22.16 -18.77
CA TRP A 9 -7.55 -20.75 -18.59
C TRP A 9 -6.28 -20.40 -19.34
N ASP A 10 -6.33 -19.28 -20.08
CA ASP A 10 -5.18 -18.79 -20.81
C ASP A 10 -4.41 -17.82 -19.87
N LEU A 11 -3.12 -18.09 -19.60
CA LEU A 11 -2.29 -17.16 -18.82
C LEU A 11 -1.77 -16.21 -19.88
N VAL A 12 -2.55 -15.17 -20.12
CA VAL A 12 -2.34 -14.22 -21.21
C VAL A 12 -1.02 -13.50 -21.14
N GLN A 13 -0.70 -12.93 -19.97
CA GLN A 13 0.51 -12.13 -19.81
C GLN A 13 0.85 -11.90 -18.37
N THR A 14 2.06 -11.38 -18.11
CA THR A 14 2.51 -11.03 -16.76
C THR A 14 1.94 -9.65 -16.45
N LEU A 15 1.41 -9.51 -15.26
CA LEU A 15 0.86 -8.24 -14.78
C LEU A 15 1.91 -7.53 -13.95
N GLY A 16 2.65 -8.29 -13.16
CA GLY A 16 3.72 -7.77 -12.34
C GLY A 16 4.70 -8.81 -11.88
N GLU A 17 5.85 -8.34 -11.40
CA GLU A 17 6.92 -9.18 -10.87
C GLU A 17 7.33 -8.70 -9.48
N GLY A 18 7.76 -9.66 -8.67
CA GLY A 18 8.24 -9.45 -7.31
C GLY A 18 9.31 -10.46 -6.95
N ALA A 19 9.80 -10.40 -5.69
CA ALA A 19 10.81 -11.33 -5.19
C ALA A 19 10.19 -12.72 -5.06
N TYR A 20 8.87 -12.78 -4.71
CA TYR A 20 8.06 -14.00 -4.57
C TYR A 20 8.00 -14.79 -5.89
N GLY A 21 7.76 -14.05 -6.98
CA GLY A 21 7.66 -14.57 -8.33
C GLY A 21 7.00 -13.57 -9.25
N GLU A 22 5.82 -13.92 -9.78
CA GLU A 22 5.07 -13.04 -10.69
C GLU A 22 3.56 -13.20 -10.59
N VAL A 23 2.83 -12.19 -11.09
CA VAL A 23 1.37 -12.18 -11.15
C VAL A 23 1.01 -12.25 -12.62
N GLN A 24 0.17 -13.23 -12.99
CA GLN A 24 -0.27 -13.44 -14.35
C GLN A 24 -1.74 -13.12 -14.49
N LEU A 25 -2.14 -12.68 -15.69
CA LEU A 25 -3.53 -12.47 -16.02
C LEU A 25 -4.03 -13.80 -16.60
N ALA A 26 -5.03 -14.43 -15.95
CA ALA A 26 -5.62 -15.69 -16.42
C ALA A 26 -7.02 -15.41 -16.93
N VAL A 27 -7.33 -15.86 -18.15
CA VAL A 27 -8.66 -15.63 -18.75
C VAL A 27 -9.26 -16.99 -19.12
N ASN A 28 -10.46 -17.27 -18.62
CA ASN A 28 -11.12 -18.54 -18.92
C ASN A 28 -11.54 -18.54 -20.42
N ARG A 29 -11.11 -19.55 -21.18
CA ARG A 29 -11.42 -19.65 -22.63
C ARG A 29 -12.91 -19.65 -22.98
N VAL A 30 -13.75 -20.26 -22.12
CA VAL A 30 -15.19 -20.34 -22.33
C VAL A 30 -15.95 -19.10 -21.84
N THR A 31 -15.78 -18.71 -20.56
CA THR A 31 -16.55 -17.61 -19.97
C THR A 31 -15.94 -16.24 -20.18
N GLU A 32 -14.61 -16.19 -20.41
CA GLU A 32 -13.81 -14.96 -20.58
C GLU A 32 -13.63 -14.22 -19.24
N GLU A 33 -13.94 -14.92 -18.12
CA GLU A 33 -13.70 -14.34 -16.79
C GLU A 33 -12.18 -14.20 -16.61
N ALA A 34 -11.74 -13.08 -16.01
CA ALA A 34 -10.34 -12.79 -15.78
C ALA A 34 -10.05 -12.82 -14.29
N VAL A 35 -8.95 -13.46 -13.91
N VAL A 35 -8.95 -13.45 -13.91
CA VAL A 35 -8.47 -13.62 -12.52
CA VAL A 35 -8.47 -13.50 -12.52
C VAL A 35 -6.96 -13.35 -12.50
C VAL A 35 -6.98 -13.24 -12.54
N ALA A 36 -6.44 -12.69 -11.45
CA ALA A 36 -5.02 -12.44 -11.32
C ALA A 36 -4.48 -13.66 -10.56
N VAL A 37 -3.39 -14.25 -11.05
CA VAL A 37 -2.82 -15.43 -10.42
C VAL A 37 -1.41 -15.11 -9.97
N LYS A 38 -1.20 -15.02 -8.65
CA LYS A 38 0.13 -14.78 -8.08
C LYS A 38 0.79 -16.16 -7.98
N ILE A 39 1.96 -16.30 -8.63
CA ILE A 39 2.74 -17.54 -8.65
C ILE A 39 3.99 -17.31 -7.82
N VAL A 40 4.16 -18.13 -6.77
CA VAL A 40 5.27 -18.04 -5.81
C VAL A 40 6.05 -19.36 -5.76
N ASP A 41 7.37 -19.30 -6.03
CA ASP A 41 8.26 -20.44 -5.89
C ASP A 41 8.75 -20.41 -4.45
N MET A 42 8.27 -21.36 -3.63
CA MET A 42 8.65 -21.43 -2.20
C MET A 42 10.13 -21.77 -1.99
N LYS A 43 10.81 -22.28 -3.04
CA LYS A 43 12.25 -22.61 -3.00
C LYS A 43 13.16 -21.36 -2.92
N ARG A 44 12.61 -20.15 -3.16
CA ARG A 44 13.38 -18.90 -3.10
C ARG A 44 13.79 -18.48 -1.66
N ALA A 45 13.21 -19.14 -0.62
CA ALA A 45 13.49 -18.93 0.81
C ALA A 45 13.03 -20.13 1.67
N VAL A 46 13.73 -20.42 2.77
CA VAL A 46 13.36 -21.54 3.67
C VAL A 46 12.13 -21.14 4.53
N ASP A 47 12.01 -19.84 4.83
CA ASP A 47 10.91 -19.24 5.60
C ASP A 47 9.64 -19.05 4.76
N CYS A 48 9.77 -19.08 3.41
CA CYS A 48 8.69 -18.89 2.43
C CYS A 48 7.41 -19.71 2.72
N PRO A 49 7.44 -21.05 3.00
CA PRO A 49 6.16 -21.75 3.30
C PRO A 49 5.35 -21.10 4.42
N GLU A 50 6.02 -20.71 5.53
CA GLU A 50 5.40 -20.01 6.69
C GLU A 50 4.99 -18.57 6.31
N ASN A 51 5.80 -17.90 5.45
CA ASN A 51 5.59 -16.53 4.97
C ASN A 51 4.33 -16.42 4.08
N ILE A 52 4.21 -17.35 3.11
CA ILE A 52 3.07 -17.39 2.19
C ILE A 52 1.83 -17.88 2.94
N LYS A 53 2.00 -18.76 3.97
CA LYS A 53 0.93 -19.25 4.83
C LYS A 53 0.29 -18.06 5.56
N LYS A 54 1.12 -17.07 5.95
CA LYS A 54 0.75 -15.84 6.66
C LYS A 54 -0.04 -14.94 5.71
N GLU A 55 0.50 -14.66 4.50
CA GLU A 55 -0.15 -13.88 3.44
C GLU A 55 -1.51 -14.50 3.12
N ILE A 56 -1.56 -15.87 2.98
CA ILE A 56 -2.80 -16.60 2.70
C ILE A 56 -3.75 -16.42 3.88
N CYS A 57 -3.25 -16.62 5.13
CA CYS A 57 -4.05 -16.47 6.35
C CYS A 57 -4.65 -15.06 6.48
N ILE A 58 -3.84 -14.03 6.25
CA ILE A 58 -4.27 -12.63 6.30
C ILE A 58 -5.29 -12.35 5.20
N ASN A 59 -5.02 -12.83 3.97
CA ASN A 59 -5.95 -12.69 2.83
C ASN A 59 -7.33 -13.29 3.10
N LYS A 60 -7.39 -14.39 3.88
CA LYS A 60 -8.64 -15.06 4.24
C LYS A 60 -9.55 -14.23 5.16
N MET A 61 -8.94 -13.29 5.90
CA MET A 61 -9.62 -12.40 6.84
C MET A 61 -10.23 -11.17 6.15
N LEU A 62 -9.79 -10.87 4.93
CA LEU A 62 -10.18 -9.62 4.25
C LEU A 62 -11.46 -9.69 3.46
N ASN A 63 -12.30 -8.67 3.66
CA ASN A 63 -13.58 -8.47 3.01
C ASN A 63 -13.92 -6.98 3.04
N HIS A 64 -13.47 -6.23 2.04
CA HIS A 64 -13.77 -4.80 1.98
C HIS A 64 -13.69 -4.30 0.55
N GLU A 65 -14.54 -3.33 0.20
CA GLU A 65 -14.60 -2.72 -1.15
C GLU A 65 -13.27 -2.05 -1.59
N ASN A 66 -12.37 -1.71 -0.66
CA ASN A 66 -11.09 -1.08 -1.02
C ASN A 66 -9.88 -1.95 -0.75
N VAL A 67 -10.08 -3.27 -0.79
CA VAL A 67 -9.03 -4.30 -0.61
C VAL A 67 -9.23 -5.33 -1.74
N VAL A 68 -8.13 -5.72 -2.43
CA VAL A 68 -8.17 -6.75 -3.50
C VAL A 68 -8.77 -8.04 -2.91
N LYS A 69 -9.82 -8.57 -3.57
CA LYS A 69 -10.47 -9.79 -3.13
C LYS A 69 -9.58 -11.03 -3.33
N PHE A 70 -9.55 -11.93 -2.33
CA PHE A 70 -8.80 -13.19 -2.37
C PHE A 70 -9.81 -14.34 -2.65
N TYR A 71 -9.58 -15.14 -3.70
CA TYR A 71 -10.54 -16.20 -4.03
C TYR A 71 -10.15 -17.54 -3.44
N GLY A 72 -8.86 -17.79 -3.39
CA GLY A 72 -8.35 -19.04 -2.87
C GLY A 72 -6.92 -19.26 -3.29
N HIS A 73 -6.43 -20.46 -3.04
CA HIS A 73 -5.04 -20.79 -3.34
C HIS A 73 -4.87 -22.28 -3.54
N ARG A 74 -3.72 -22.69 -4.09
CA ARG A 74 -3.37 -24.09 -4.11
C ARG A 74 -1.88 -24.25 -4.38
N ARG A 75 -1.34 -25.28 -3.75
CA ARG A 75 0.07 -25.64 -3.84
C ARG A 75 0.23 -26.77 -4.88
N GLU A 76 1.26 -26.65 -5.73
CA GLU A 76 1.61 -27.62 -6.78
C GLU A 76 3.12 -27.85 -6.69
N GLY A 77 3.50 -28.83 -5.87
CA GLY A 77 4.90 -29.13 -5.62
C GLY A 77 5.50 -28.10 -4.68
N ASN A 78 6.45 -27.29 -5.18
CA ASN A 78 7.09 -26.22 -4.41
C ASN A 78 6.53 -24.85 -4.83
N ILE A 79 5.54 -24.85 -5.71
CA ILE A 79 4.91 -23.64 -6.23
C ILE A 79 3.56 -23.41 -5.55
N GLN A 80 3.33 -22.16 -5.10
CA GLN A 80 2.07 -21.72 -4.52
C GLN A 80 1.36 -20.83 -5.55
N TYR A 81 0.04 -21.00 -5.68
CA TYR A 81 -0.79 -20.21 -6.59
C TYR A 81 -1.85 -19.48 -5.75
N LEU A 82 -1.89 -18.15 -5.80
CA LEU A 82 -2.90 -17.36 -5.09
C LEU A 82 -3.82 -16.75 -6.15
N PHE A 83 -5.12 -16.94 -6.00
CA PHE A 83 -6.11 -16.45 -6.98
C PHE A 83 -6.77 -15.21 -6.44
N LEU A 84 -6.60 -14.12 -7.17
CA LEU A 84 -7.00 -12.79 -6.76
C LEU A 84 -7.82 -12.08 -7.79
N GLU A 85 -8.61 -11.11 -7.31
CA GLU A 85 -9.45 -10.25 -8.12
C GLU A 85 -8.55 -9.53 -9.11
N TYR A 86 -8.86 -9.61 -10.40
CA TYR A 86 -8.10 -8.88 -11.40
C TYR A 86 -8.56 -7.43 -11.40
N CYS A 87 -7.63 -6.50 -11.06
CA CYS A 87 -7.93 -5.08 -10.99
C CYS A 87 -7.49 -4.44 -12.28
N SER A 88 -8.45 -4.35 -13.22
CA SER A 88 -8.21 -3.93 -14.59
C SER A 88 -7.79 -2.46 -14.79
N GLY A 89 -7.88 -1.63 -13.76
CA GLY A 89 -7.42 -0.24 -13.80
C GLY A 89 -5.93 -0.10 -13.57
N GLY A 90 -5.26 -1.21 -13.24
CA GLY A 90 -3.83 -1.23 -13.02
C GLY A 90 -3.38 -0.61 -11.72
N GLU A 91 -2.08 -0.29 -11.61
CA GLU A 91 -1.51 0.30 -10.39
C GLU A 91 -1.76 1.82 -10.35
N LEU A 92 -1.96 2.34 -9.13
CA LEU A 92 -2.09 3.77 -8.85
C LEU A 92 -0.81 4.49 -9.33
N PHE A 93 0.35 3.78 -9.26
CA PHE A 93 1.64 4.29 -9.70
C PHE A 93 1.58 4.88 -11.13
N ASP A 94 0.91 4.17 -12.05
CA ASP A 94 0.81 4.61 -13.44
C ASP A 94 -0.25 5.71 -13.69
N ARG A 95 -0.90 6.20 -12.62
CA ARG A 95 -1.80 7.34 -12.71
C ARG A 95 -1.04 8.60 -12.32
N ILE A 96 0.19 8.39 -11.84
CA ILE A 96 1.05 9.48 -11.39
C ILE A 96 2.01 9.90 -12.50
N GLU A 97 1.82 11.13 -13.01
CA GLU A 97 2.74 11.65 -14.04
C GLU A 97 4.08 12.03 -13.36
N PRO A 98 5.24 11.48 -13.80
CA PRO A 98 6.53 11.85 -13.15
C PRO A 98 6.73 13.36 -13.05
N ASP A 99 7.14 13.86 -11.86
CA ASP A 99 7.39 15.27 -11.52
C ASP A 99 6.14 16.17 -11.58
N ILE A 100 4.96 15.60 -11.88
CA ILE A 100 3.73 16.40 -11.97
C ILE A 100 2.66 15.93 -10.99
N GLY A 101 2.44 14.61 -10.94
CA GLY A 101 1.41 14.02 -10.09
C GLY A 101 0.14 13.81 -10.86
N MET A 102 -0.98 14.28 -10.30
CA MET A 102 -2.28 14.16 -10.95
C MET A 102 -3.18 15.31 -10.47
N PRO A 103 -4.35 15.57 -11.11
CA PRO A 103 -5.22 16.66 -10.62
C PRO A 103 -5.59 16.46 -9.14
N GLU A 104 -5.62 17.56 -8.38
CA GLU A 104 -5.94 17.53 -6.95
C GLU A 104 -7.27 16.77 -6.64
N PRO A 105 -8.41 16.92 -7.37
CA PRO A 105 -9.61 16.14 -7.02
C PRO A 105 -9.42 14.63 -7.12
N ASP A 106 -8.62 14.16 -8.09
CA ASP A 106 -8.32 12.72 -8.28
C ASP A 106 -7.48 12.23 -7.10
N ALA A 107 -6.46 13.02 -6.70
CA ALA A 107 -5.61 12.68 -5.54
C ALA A 107 -6.46 12.62 -4.27
N GLN A 108 -7.40 13.56 -4.10
CA GLN A 108 -8.30 13.56 -2.93
C GLN A 108 -9.20 12.33 -2.88
N ARG A 109 -9.85 11.99 -3.99
CA ARG A 109 -10.74 10.82 -4.06
C ARG A 109 -9.96 9.54 -3.75
N PHE A 110 -8.78 9.35 -4.38
CA PHE A 110 -7.95 8.17 -4.12
C PHE A 110 -7.52 8.10 -2.67
N PHE A 111 -7.19 9.27 -2.08
CA PHE A 111 -6.79 9.34 -0.68
C PHE A 111 -7.94 8.96 0.24
N HIS A 112 -9.18 9.39 -0.07
CA HIS A 112 -10.35 8.99 0.76
C HIS A 112 -10.54 7.46 0.73
N GLN A 113 -10.41 6.85 -0.46
CA GLN A 113 -10.52 5.39 -0.65
C GLN A 113 -9.38 4.67 0.04
N LEU A 114 -8.14 5.23 -0.01
CA LEU A 114 -6.98 4.68 0.69
C LEU A 114 -7.29 4.66 2.20
N MET A 115 -7.79 5.80 2.76
CA MET A 115 -8.18 5.85 4.18
C MET A 115 -9.25 4.82 4.54
N ALA A 116 -10.28 4.63 3.68
CA ALA A 116 -11.35 3.64 3.96
C ALA A 116 -10.74 2.24 4.09
N GLY A 117 -9.85 1.90 3.16
CA GLY A 117 -9.18 0.61 3.16
C GLY A 117 -8.29 0.43 4.38
N VAL A 118 -7.51 1.47 4.71
CA VAL A 118 -6.59 1.41 5.87
C VAL A 118 -7.38 1.34 7.18
N VAL A 119 -8.49 2.10 7.30
CA VAL A 119 -9.33 2.05 8.51
C VAL A 119 -9.86 0.64 8.72
N TYR A 120 -10.30 0.02 7.63
CA TYR A 120 -10.80 -1.34 7.66
C TYR A 120 -9.72 -2.30 8.16
N LEU A 121 -8.50 -2.29 7.57
CA LEU A 121 -7.42 -3.20 7.99
C LEU A 121 -7.08 -3.01 9.48
N HIS A 122 -6.90 -1.75 9.88
CA HIS A 122 -6.58 -1.42 11.27
C HIS A 122 -7.67 -1.86 12.25
N GLY A 123 -8.93 -1.73 11.84
CA GLY A 123 -10.08 -2.15 12.64
C GLY A 123 -10.11 -3.64 12.88
N ILE A 124 -9.55 -4.45 11.96
CA ILE A 124 -9.48 -5.91 12.19
C ILE A 124 -8.08 -6.31 12.75
N GLY A 125 -7.28 -5.30 13.13
CA GLY A 125 -5.96 -5.52 13.72
C GLY A 125 -4.86 -5.94 12.76
N ILE A 126 -4.98 -5.56 11.48
CA ILE A 126 -3.99 -5.86 10.46
C ILE A 126 -3.28 -4.56 10.03
N THR A 127 -1.94 -4.62 9.94
CA THR A 127 -1.14 -3.53 9.41
C THR A 127 -0.54 -4.01 8.07
N HIS A 128 -0.55 -3.17 7.04
CA HIS A 128 -0.05 -3.55 5.71
C HIS A 128 1.48 -3.56 5.65
N ARG A 129 2.10 -2.47 6.16
CA ARG A 129 3.55 -2.25 6.23
C ARG A 129 4.24 -1.99 4.89
N ASP A 130 3.49 -1.97 3.77
CA ASP A 130 4.14 -1.71 2.49
C ASP A 130 3.25 -0.87 1.58
N ILE A 131 2.56 0.11 2.16
CA ILE A 131 1.69 0.99 1.39
C ILE A 131 2.56 1.88 0.49
N LYS A 132 2.28 1.84 -0.80
CA LYS A 132 2.99 2.61 -1.82
C LYS A 132 2.16 2.51 -3.10
N PRO A 133 2.34 3.41 -4.09
CA PRO A 133 1.47 3.38 -5.27
C PRO A 133 1.50 2.10 -6.10
N GLU A 134 2.58 1.32 -6.04
CA GLU A 134 2.73 0.03 -6.72
C GLU A 134 1.85 -1.06 -6.06
N ASN A 135 1.38 -0.84 -4.81
CA ASN A 135 0.55 -1.82 -4.06
C ASN A 135 -0.88 -1.32 -3.85
N LEU A 136 -1.29 -0.34 -4.66
CA LEU A 136 -2.63 0.22 -4.63
C LEU A 136 -3.14 0.08 -6.06
N LEU A 137 -4.08 -0.84 -6.28
CA LEU A 137 -4.59 -1.09 -7.62
C LEU A 137 -5.93 -0.43 -7.84
N LEU A 138 -6.37 -0.42 -9.10
CA LEU A 138 -7.62 0.21 -9.48
C LEU A 138 -8.48 -0.77 -10.21
N ASP A 139 -9.77 -0.78 -9.90
CA ASP A 139 -10.70 -1.67 -10.60
C ASP A 139 -11.18 -0.96 -11.89
N GLU A 140 -12.18 -1.53 -12.57
CA GLU A 140 -12.70 -1.01 -13.83
C GLU A 140 -13.46 0.32 -13.67
N ARG A 141 -13.77 0.73 -12.41
CA ARG A 141 -14.42 2.03 -12.10
C ARG A 141 -13.47 2.99 -11.35
N ASP A 142 -12.14 2.76 -11.45
CA ASP A 142 -11.09 3.55 -10.77
C ASP A 142 -11.25 3.58 -9.23
N ASN A 143 -11.81 2.51 -8.65
CA ASN A 143 -11.89 2.40 -7.20
C ASN A 143 -10.57 1.79 -6.76
N LEU A 144 -9.94 2.40 -5.75
CA LEU A 144 -8.67 1.95 -5.19
C LEU A 144 -8.88 0.67 -4.39
N LYS A 145 -7.91 -0.25 -4.51
CA LYS A 145 -7.89 -1.53 -3.83
C LYS A 145 -6.49 -1.74 -3.28
N ILE A 146 -6.39 -1.94 -1.95
CA ILE A 146 -5.12 -2.23 -1.31
C ILE A 146 -4.74 -3.67 -1.71
N SER A 147 -3.49 -3.84 -2.12
CA SER A 147 -2.98 -5.09 -2.67
C SER A 147 -1.67 -5.47 -1.99
N ASP A 148 -1.15 -6.69 -2.27
CA ASP A 148 0.17 -7.20 -1.84
C ASP A 148 0.33 -7.27 -0.31
N PHE A 149 -0.25 -8.31 0.31
CA PHE A 149 -0.22 -8.49 1.76
C PHE A 149 0.93 -9.39 2.26
N GLY A 150 1.99 -9.52 1.45
CA GLY A 150 3.14 -10.35 1.79
C GLY A 150 3.94 -9.90 3.01
N LEU A 151 3.81 -8.62 3.38
CA LEU A 151 4.50 -8.04 4.53
C LEU A 151 3.52 -7.70 5.65
N ALA A 152 2.22 -7.96 5.45
CA ALA A 152 1.20 -7.63 6.42
C ALA A 152 1.28 -8.51 7.65
N THR A 153 0.90 -7.97 8.81
CA THR A 153 0.94 -8.75 10.05
C THR A 153 -0.15 -8.29 10.99
N VAL A 154 -0.42 -9.09 12.04
CA VAL A 154 -1.41 -8.76 13.04
C VAL A 154 -0.74 -7.95 14.15
N PHE A 155 -1.29 -6.77 14.46
CA PHE A 155 -0.77 -5.91 15.53
C PHE A 155 -1.68 -5.83 16.75
N ARG A 156 -2.93 -6.31 16.62
CA ARG A 156 -3.91 -6.29 17.71
C ARG A 156 -4.63 -7.62 17.75
N TYR A 157 -4.62 -8.29 18.91
CA TYR A 157 -5.29 -9.59 19.12
C TYR A 157 -6.47 -9.26 20.00
N ASN A 158 -7.68 -9.39 19.44
CA ASN A 158 -8.92 -8.98 20.09
C ASN A 158 -8.76 -7.47 20.41
N ASN A 159 -8.78 -7.06 21.71
CA ASN A 159 -8.58 -5.66 22.05
C ASN A 159 -7.23 -5.43 22.73
N ARG A 160 -6.18 -6.17 22.30
CA ARG A 160 -4.83 -6.05 22.90
C ARG A 160 -3.76 -5.82 21.86
N GLU A 161 -3.23 -4.60 21.84
CA GLU A 161 -2.17 -4.25 20.91
C GLU A 161 -0.83 -4.85 21.30
N ARG A 162 0.03 -5.10 20.31
CA ARG A 162 1.43 -5.45 20.50
C ARG A 162 2.26 -4.47 19.66
N LEU A 163 3.48 -4.20 20.10
CA LEU A 163 4.41 -3.38 19.34
C LEU A 163 5.11 -4.26 18.29
N LEU A 164 5.50 -3.63 17.18
CA LEU A 164 6.20 -4.29 16.09
C LEU A 164 7.67 -3.94 16.14
N ASN A 165 8.53 -4.72 15.47
CA ASN A 165 9.96 -4.40 15.47
C ASN A 165 10.64 -4.70 14.12
N LYS A 166 9.87 -5.11 13.11
CA LYS A 166 10.46 -5.48 11.83
C LYS A 166 10.68 -4.29 10.90
N MET A 167 11.92 -4.13 10.42
CA MET A 167 12.28 -3.07 9.49
C MET A 167 11.85 -3.60 8.15
N CYS A 168 10.64 -3.19 7.82
CA CYS A 168 9.78 -3.60 6.76
C CYS A 168 9.58 -2.53 5.74
N GLY A 169 9.35 -2.96 4.51
CA GLY A 169 8.92 -2.05 3.47
C GLY A 169 9.96 -1.40 2.62
N THR A 170 9.47 -0.46 1.83
CA THR A 170 10.21 0.30 0.84
C THR A 170 10.70 1.57 1.51
N LEU A 171 12.02 1.69 1.68
CA LEU A 171 12.71 2.77 2.40
C LEU A 171 12.17 4.22 2.16
N PRO A 172 11.91 4.73 0.92
CA PRO A 172 11.36 6.11 0.80
C PRO A 172 9.96 6.29 1.42
N TYR A 173 9.28 5.17 1.71
CA TYR A 173 7.96 5.13 2.32
C TYR A 173 7.96 4.86 3.81
N VAL A 174 9.08 4.40 4.38
CA VAL A 174 9.11 4.01 5.81
C VAL A 174 9.14 5.21 6.74
N ALA A 175 8.43 5.07 7.88
CA ALA A 175 8.36 6.10 8.94
C ALA A 175 9.71 6.18 9.65
N PRO A 176 10.14 7.37 10.14
CA PRO A 176 11.47 7.49 10.77
C PRO A 176 11.70 6.63 12.02
N GLU A 177 10.64 6.31 12.78
CA GLU A 177 10.78 5.46 13.99
C GLU A 177 11.37 4.06 13.65
N LEU A 178 11.19 3.56 12.40
CA LEU A 178 11.78 2.27 11.96
C LEU A 178 13.30 2.29 11.97
N LEU A 179 13.91 3.48 11.89
CA LEU A 179 15.37 3.67 11.92
C LEU A 179 15.83 4.17 13.29
N LYS A 180 14.88 4.48 14.22
CA LYS A 180 15.22 5.07 15.50
C LYS A 180 14.85 4.25 16.73
N ARG A 181 13.74 3.50 16.67
CA ARG A 181 13.22 2.77 17.81
C ARG A 181 13.28 1.29 17.58
N ARG A 182 13.61 0.53 18.63
CA ARG A 182 13.66 -0.93 18.54
C ARG A 182 12.28 -1.54 18.38
N GLU A 183 11.26 -0.88 18.95
CA GLU A 183 9.88 -1.33 18.87
C GLU A 183 9.02 -0.10 18.69
N PHE A 184 7.87 -0.24 18.02
CA PHE A 184 7.01 0.90 17.70
C PHE A 184 5.58 0.46 17.42
N HIS A 185 4.66 1.43 17.46
CA HIS A 185 3.26 1.20 17.18
C HIS A 185 3.05 1.02 15.64
N ALA A 186 2.21 0.06 15.28
CA ALA A 186 1.94 -0.27 13.87
C ALA A 186 1.19 0.82 13.11
N GLU A 187 0.10 1.34 13.68
CA GLU A 187 -0.78 2.26 12.96
C GLU A 187 -0.10 3.54 12.48
N PRO A 188 0.73 4.24 13.28
CA PRO A 188 1.42 5.45 12.72
C PRO A 188 2.36 5.17 11.55
N VAL A 189 2.90 3.93 11.42
CA VAL A 189 3.78 3.58 10.29
C VAL A 189 2.99 3.61 8.96
N ASP A 190 1.80 2.96 8.93
CA ASP A 190 0.90 2.94 7.76
C ASP A 190 0.40 4.38 7.47
N VAL A 191 0.15 5.19 8.53
CA VAL A 191 -0.31 6.58 8.34
C VAL A 191 0.78 7.36 7.60
N TRP A 192 2.04 7.24 8.06
CA TRP A 192 3.18 7.89 7.42
C TRP A 192 3.28 7.53 5.92
N SER A 193 3.24 6.21 5.58
CA SER A 193 3.34 5.77 4.18
C SER A 193 2.18 6.31 3.32
N CYS A 194 0.99 6.52 3.93
CA CYS A 194 -0.16 7.13 3.22
C CYS A 194 0.16 8.58 2.87
N GLY A 195 0.85 9.27 3.77
CA GLY A 195 1.32 10.65 3.55
C GLY A 195 2.33 10.71 2.42
N ILE A 196 3.18 9.68 2.30
CA ILE A 196 4.16 9.63 1.19
C ILE A 196 3.42 9.39 -0.11
N VAL A 197 2.42 8.48 -0.09
CA VAL A 197 1.59 8.22 -1.28
C VAL A 197 0.87 9.54 -1.72
N LEU A 198 0.32 10.29 -0.74
CA LEU A 198 -0.37 11.54 -1.03
C LEU A 198 0.59 12.57 -1.65
N THR A 199 1.83 12.67 -1.13
CA THR A 199 2.87 13.53 -1.68
C THR A 199 3.14 13.17 -3.16
N ALA A 200 3.32 11.84 -3.44
CA ALA A 200 3.57 11.35 -4.80
C ALA A 200 2.39 11.65 -5.71
N MET A 201 1.13 11.47 -5.23
CA MET A 201 -0.04 11.76 -6.10
C MET A 201 -0.12 13.25 -6.45
N LEU A 202 0.24 14.16 -5.53
CA LEU A 202 0.16 15.60 -5.75
C LEU A 202 1.34 16.24 -6.50
N ALA A 203 2.55 15.65 -6.40
CA ALA A 203 3.74 16.27 -7.00
C ALA A 203 4.54 15.38 -7.97
N GLY A 204 4.19 14.09 -8.05
CA GLY A 204 4.84 13.12 -8.94
C GLY A 204 6.28 12.86 -8.58
N GLU A 205 6.61 13.05 -7.30
CA GLU A 205 7.97 12.96 -6.81
C GLU A 205 7.98 12.51 -5.35
N LEU A 206 8.97 11.64 -4.98
CA LEU A 206 9.16 11.20 -3.61
C LEU A 206 10.07 12.24 -2.93
N PRO A 207 9.78 12.66 -1.70
CA PRO A 207 10.57 13.76 -1.12
C PRO A 207 11.97 13.41 -0.63
N TRP A 208 12.27 12.11 -0.36
CA TRP A 208 13.58 11.73 0.15
C TRP A 208 13.86 10.24 -0.03
N ASP A 209 15.16 9.86 -0.09
CA ASP A 209 15.58 8.46 -0.15
C ASP A 209 15.15 7.76 1.13
N GLN A 210 15.28 8.47 2.28
CA GLN A 210 14.96 7.94 3.60
C GLN A 210 14.78 9.05 4.62
N PRO A 211 13.92 8.85 5.64
CA PRO A 211 13.73 9.91 6.65
C PRO A 211 14.76 9.85 7.79
N SER A 212 16.03 10.12 7.44
CA SER A 212 17.17 10.18 8.37
C SER A 212 17.63 11.62 8.48
N ASP A 213 18.27 12.03 9.61
CA ASP A 213 18.82 13.40 9.70
C ASP A 213 20.05 13.53 8.78
N SER A 214 20.64 12.38 8.35
CA SER A 214 21.75 12.40 7.41
C SER A 214 21.25 12.69 5.98
N CYS A 215 19.93 12.51 5.72
CA CYS A 215 19.32 12.79 4.42
C CYS A 215 18.97 14.28 4.37
N GLN A 216 19.66 15.06 3.50
CA GLN A 216 19.44 16.51 3.37
C GLN A 216 17.98 16.86 3.12
N GLU A 217 17.33 16.15 2.20
CA GLU A 217 15.93 16.40 1.80
C GLU A 217 14.98 16.19 2.97
N TYR A 218 15.29 15.25 3.85
CA TYR A 218 14.48 15.07 5.05
C TYR A 218 14.75 16.23 6.02
N SER A 219 16.01 16.67 6.18
CA SER A 219 16.33 17.83 7.02
C SER A 219 15.62 19.08 6.54
N ASP A 220 15.56 19.29 5.20
CA ASP A 220 14.86 20.43 4.59
C ASP A 220 13.39 20.48 4.98
N TRP A 221 12.70 19.32 4.97
CA TRP A 221 11.30 19.17 5.39
C TRP A 221 11.13 19.49 6.87
N LYS A 222 12.01 18.92 7.73
CA LYS A 222 11.98 19.18 9.18
C LYS A 222 12.16 20.68 9.44
N GLU A 223 12.92 21.36 8.56
CA GLU A 223 13.16 22.81 8.62
C GLU A 223 12.11 23.66 7.91
N LYS A 224 10.98 23.03 7.50
CA LYS A 224 9.83 23.67 6.85
C LYS A 224 10.18 24.40 5.53
N LYS A 225 11.17 23.88 4.79
CA LYS A 225 11.57 24.47 3.50
C LYS A 225 10.63 23.97 2.40
N THR A 226 9.37 24.41 2.45
CA THR A 226 8.31 24.02 1.52
C THR A 226 8.30 24.86 0.23
N TYR A 227 9.35 25.68 0.05
CA TYR A 227 9.58 26.45 -1.17
C TYR A 227 10.51 25.65 -2.11
N LEU A 228 10.89 24.43 -1.65
CA LEU A 228 11.70 23.45 -2.39
C LEU A 228 10.78 22.32 -2.93
N ASN A 229 11.26 21.62 -3.95
CA ASN A 229 10.53 20.48 -4.48
C ASN A 229 10.60 19.31 -3.48
N PRO A 230 9.56 18.48 -3.38
CA PRO A 230 8.31 18.49 -4.17
C PRO A 230 7.27 19.47 -3.63
N TRP A 231 7.46 19.93 -2.39
CA TRP A 231 6.51 20.75 -1.64
C TRP A 231 6.02 21.99 -2.35
N LYS A 232 6.90 22.73 -3.06
CA LYS A 232 6.47 23.97 -3.74
C LYS A 232 5.42 23.76 -4.85
N LYS A 233 5.23 22.51 -5.32
CA LYS A 233 4.22 22.17 -6.33
C LYS A 233 2.86 21.89 -5.65
N ILE A 234 2.88 21.74 -4.30
CA ILE A 234 1.70 21.37 -3.52
C ILE A 234 1.01 22.59 -2.93
N ASP A 235 -0.29 22.71 -3.20
CA ASP A 235 -1.12 23.79 -2.67
C ASP A 235 -1.13 23.75 -1.11
N SER A 236 -1.27 24.92 -0.46
CA SER A 236 -1.24 25.05 1.00
C SER A 236 -2.26 24.22 1.73
N ALA A 237 -3.49 24.03 1.16
CA ALA A 237 -4.45 23.17 1.86
C ALA A 237 -3.97 21.68 1.96
N PRO A 238 -3.65 20.92 0.88
CA PRO A 238 -3.15 19.54 1.11
C PRO A 238 -1.78 19.52 1.84
N LEU A 239 -0.94 20.55 1.67
CA LEU A 239 0.36 20.61 2.37
C LEU A 239 0.18 20.68 3.90
N ALA A 240 -0.90 21.37 4.37
CA ALA A 240 -1.18 21.48 5.80
C ALA A 240 -1.52 20.09 6.35
N LEU A 241 -2.18 19.24 5.53
CA LEU A 241 -2.45 17.88 5.98
C LEU A 241 -1.14 17.09 6.02
N LEU A 242 -0.29 17.25 4.98
CA LEU A 242 1.02 16.58 4.92
C LEU A 242 1.92 16.98 6.11
N HIS A 243 1.84 18.27 6.55
CA HIS A 243 2.57 18.75 7.73
C HIS A 243 2.13 17.98 9.01
N LYS A 244 0.85 17.55 9.08
CA LYS A 244 0.36 16.79 10.23
C LYS A 244 0.69 15.28 10.13
N ILE A 245 0.71 14.74 8.90
CA ILE A 245 1.01 13.31 8.70
C ILE A 245 2.51 13.04 8.82
N LEU A 246 3.32 13.84 8.15
CA LEU A 246 4.78 13.61 8.11
C LEU A 246 5.49 14.26 9.30
N VAL A 247 5.03 13.87 10.50
CA VAL A 247 5.52 14.30 11.81
C VAL A 247 6.50 13.21 12.29
N GLU A 248 7.73 13.59 12.62
CA GLU A 248 8.77 12.63 13.02
C GLU A 248 8.39 11.76 14.22
N ASN A 249 7.93 12.40 15.31
CA ASN A 249 7.54 11.66 16.51
C ASN A 249 6.19 10.95 16.23
N PRO A 250 6.16 9.59 16.18
CA PRO A 250 4.90 8.89 15.90
C PRO A 250 3.77 9.14 16.90
N SER A 251 4.09 9.47 18.16
N SER A 251 4.11 9.49 18.16
CA SER A 251 3.06 9.75 19.17
CA SER A 251 3.12 9.77 19.21
C SER A 251 2.36 11.10 18.92
C SER A 251 2.43 11.13 19.01
N ALA A 252 3.05 12.04 18.23
CA ALA A 252 2.49 13.36 17.91
C ALA A 252 1.85 13.36 16.50
N ARG A 253 2.09 12.31 15.72
CA ARG A 253 1.57 12.18 14.35
C ARG A 253 0.03 12.13 14.35
N ILE A 254 -0.60 12.71 13.33
CA ILE A 254 -2.07 12.69 13.16
C ILE A 254 -2.55 11.22 13.04
N THR A 255 -3.70 10.92 13.64
CA THR A 255 -4.33 9.61 13.59
C THR A 255 -5.39 9.70 12.49
N ILE A 256 -5.89 8.56 11.96
CA ILE A 256 -6.88 8.61 10.87
C ILE A 256 -8.17 9.31 11.35
N PRO A 257 -8.70 9.10 12.59
CA PRO A 257 -9.89 9.87 13.00
C PRO A 257 -9.66 11.39 12.88
N ASP A 258 -8.41 11.88 13.11
CA ASP A 258 -8.16 13.32 12.96
C ASP A 258 -7.88 13.73 11.51
N ILE A 259 -7.38 12.80 10.65
CA ILE A 259 -7.23 13.08 9.21
C ILE A 259 -8.62 13.39 8.64
N LYS A 260 -9.65 12.67 9.13
CA LYS A 260 -11.04 12.82 8.70
C LYS A 260 -11.65 14.17 9.09
N LYS A 261 -10.98 14.94 9.97
CA LYS A 261 -11.41 16.28 10.37
C LYS A 261 -10.62 17.35 9.61
N ASP A 262 -9.62 16.94 8.81
CA ASP A 262 -8.77 17.90 8.11
C ASP A 262 -9.55 18.71 7.05
N ARG A 263 -9.23 20.02 6.95
CA ARG A 263 -9.92 20.94 6.03
C ARG A 263 -9.78 20.53 4.58
N TRP A 264 -8.55 20.20 4.13
CA TRP A 264 -8.39 19.75 2.74
C TRP A 264 -9.10 18.42 2.50
N TYR A 265 -8.99 17.48 3.46
CA TYR A 265 -9.65 16.18 3.34
C TYR A 265 -11.16 16.39 3.06
N ASN A 266 -11.78 17.34 3.76
CA ASN A 266 -13.21 17.64 3.63
C ASN A 266 -13.55 18.69 2.57
N LYS A 267 -12.54 19.23 1.87
CA LYS A 267 -12.72 20.32 0.91
C LYS A 267 -13.44 19.89 -0.37
N PRO A 268 -14.57 20.56 -0.73
CA PRO A 268 -15.21 20.25 -2.01
C PRO A 268 -14.39 20.91 -3.14
N LEU A 269 -13.87 20.05 -4.02
CA LEU A 269 -13.02 20.43 -5.14
C LEU A 269 -13.82 20.25 -6.43
N LYS A 270 -13.44 20.99 -7.49
CA LYS A 270 -14.05 21.03 -8.83
C LYS A 270 -14.56 19.68 -9.37
C2 D4Z B . -4.26 -7.82 -9.73
C7 D4Z B . -0.11 -6.58 -9.73
C9 D4Z B . 2.10 -6.30 -8.60
C11 D4Z B . 3.55 -6.00 -9.00
C12 D4Z B . 4.43 -5.82 -7.74
C13 D4Z B . 3.93 -4.65 -6.89
C15 D4Z B . 1.60 -5.12 -7.73
C16 D4Z B . -0.97 -6.20 -10.77
C21 D4Z B . -2.30 -6.63 -10.77
C22 D4Z B . -2.41 -4.66 -13.75
C24 D4Z B . -1.88 -3.25 -15.64
C27 D4Z B . -3.77 -4.66 -14.13
N1 D4Z B . -4.75 -8.38 -8.62
O3 D4Z B . -5.01 -7.50 -10.66
C4 D4Z B . -2.79 -7.47 -9.77
C5 D4Z B . -1.92 -7.86 -8.73
C6 D4Z B . -0.60 -7.43 -8.73
N8 D4Z B . 1.22 -6.19 -9.77
N14 D4Z B . 2.50 -4.80 -6.62
C17 D4Z B . -0.73 -5.36 -11.88
C18 D4Z B . -1.96 -5.39 -12.53
N19 D4Z B . -2.88 -6.10 -11.85
C23 D4Z B . -1.47 -3.96 -14.50
C25 D4Z B . -3.23 -3.24 -16.02
C26 D4Z B . -4.19 -3.93 -15.26
S SO4 C . 6.12 -9.78 12.38
O1 SO4 C . 6.14 -8.36 12.73
O2 SO4 C . 6.38 -9.92 10.94
O3 SO4 C . 7.16 -10.48 13.10
O4 SO4 C . 4.86 -10.37 12.70
#